data_4U7Z
#
_entry.id   4U7Z
#
_cell.length_a   81.845
_cell.length_b   81.845
_cell.length_c   129.604
_cell.angle_alpha   90.00
_cell.angle_beta   90.00
_cell.angle_gamma   120.00
#
_symmetry.space_group_name_H-M   'P 62'
#
loop_
_entity.id
_entity.type
_entity.pdbx_description
1 polymer 'Dual specificity mitogen-activated protein kinase kinase 1'
2 non-polymer 'MAGNESIUM ION'
3 non-polymer 5-[(4-bromo-2-chlorophenyl)amino]-4-fluoro-N-(2-hydroxyethoxy)-1-methyl-1H-benzimidazole-6-carboxamide
4 non-polymer 'PHOSPHOAMINOPHOSPHONIC ACID-ADENYLATE ESTER'
5 water water
#
_entity_poly.entity_id   1
_entity_poly.type   'polypeptide(L)'
_entity_poly.pdbx_seq_one_letter_code
;MELKDDDFEKISELGAGNGGVVFKVSHKPSGLVMARKLIHLEIKPAIRNQIIRELQVLHECNSPYIVGFYGAFYSDGEIS
ICMEHMDGGSLDQVLKKAGRIPEQILGKVSIAVIKGLTYLREKHKIMHRDVKPSNILVNSRGEIKLCDFGVSGQLIDSMA
NSFVGTRSYMSPERLQGTHYSVQSDIWSMGLSLVEMAVGRYPIPPPDAKELELMFGCQVEGDAAETPPRPRTPGRPLSSY
GMDSRPPMAIFELLDYIVNEPPPKLPSGVFSLEFQDFVNKCLIKNPAERADLKQLMVHAFIKRSDAEEVDFAGWLCSTIG
LNQPSTPTHAAGVLQHHHHHH
;
_entity_poly.pdbx_strand_id   A
#
loop_
_chem_comp.id
_chem_comp.type
_chem_comp.name
_chem_comp.formula
3EW non-polymer 5-[(4-bromo-2-chlorophenyl)amino]-4-fluoro-N-(2-hydroxyethoxy)-1-methyl-1H-benzimidazole-6-carboxamide 'C17 H15 Br Cl F N4 O3'
ANP non-polymer 'PHOSPHOAMINOPHOSPHONIC ACID-ADENYLATE ESTER' 'C10 H17 N6 O12 P3'
MG non-polymer 'MAGNESIUM ION' 'Mg 2'
#
# COMPACT_ATOMS: atom_id res chain seq x y z
N MET A 1 -6.86 1.85 -27.11
CA MET A 1 -8.27 2.16 -27.26
C MET A 1 -8.76 3.03 -26.08
N GLU A 2 -9.60 4.03 -26.35
CA GLU A 2 -10.05 4.93 -25.29
C GLU A 2 -11.12 4.28 -24.42
N LEU A 3 -11.24 4.71 -23.18
CA LEU A 3 -12.26 4.16 -22.30
C LEU A 3 -13.35 5.19 -22.02
N LYS A 4 -14.63 4.78 -22.14
CA LYS A 4 -15.74 5.66 -21.75
C LYS A 4 -16.70 4.98 -20.74
N ASP A 5 -17.51 5.79 -20.04
CA ASP A 5 -18.44 5.27 -19.03
C ASP A 5 -19.36 4.15 -19.55
N ASP A 6 -19.95 4.33 -20.72
CA ASP A 6 -21.01 3.41 -21.18
C ASP A 6 -20.53 2.08 -21.78
N ASP A 7 -19.20 1.97 -21.94
CA ASP A 7 -18.57 0.74 -22.41
C ASP A 7 -18.31 -0.21 -21.26
N PHE A 8 -18.79 0.13 -20.07
CA PHE A 8 -18.54 -0.69 -18.88
C PHE A 8 -19.82 -1.25 -18.35
N GLU A 9 -19.69 -2.36 -17.63
CA GLU A 9 -20.83 -3.02 -17.00
C GLU A 9 -20.36 -3.48 -15.64
N LYS A 10 -21.11 -3.16 -14.59
CA LYS A 10 -20.66 -3.48 -13.24
C LYS A 10 -20.88 -4.98 -12.95
N ILE A 11 -19.91 -5.60 -12.27
CA ILE A 11 -19.93 -7.03 -11.94
C ILE A 11 -20.15 -7.22 -10.44
N SER A 12 -19.30 -6.58 -9.63
CA SER A 12 -19.46 -6.55 -8.18
C SER A 12 -18.75 -5.32 -7.61
N GLU A 13 -18.79 -5.13 -6.28
CA GLU A 13 -17.96 -4.10 -5.66
C GLU A 13 -16.77 -4.72 -4.93
N LEU A 14 -15.56 -4.23 -5.21
CA LEU A 14 -14.36 -4.79 -4.59
C LEU A 14 -14.14 -4.14 -3.23
N GLY A 15 -14.79 -3.01 -3.00
CA GLY A 15 -14.73 -2.37 -1.70
C GLY A 15 -14.66 -0.87 -1.86
N ALA A 16 -14.55 -0.20 -0.72
CA ALA A 16 -14.45 1.25 -0.70
C ALA A 16 -13.53 1.70 0.39
N GLY A 17 -13.50 3.01 0.60
CA GLY A 17 -12.78 3.58 1.69
C GLY A 17 -12.37 4.97 1.30
N ASN A 18 -12.79 5.94 2.11
CA ASN A 18 -12.23 7.29 2.11
C ASN A 18 -11.91 7.95 0.77
N GLY A 19 -12.95 8.44 0.11
CA GLY A 19 -12.77 9.24 -1.08
C GLY A 19 -12.89 8.44 -2.35
N GLY A 20 -12.91 7.11 -2.22
CA GLY A 20 -13.02 6.24 -3.38
C GLY A 20 -13.77 4.94 -3.18
N VAL A 21 -14.39 4.48 -4.25
CA VAL A 21 -14.94 3.12 -4.30
C VAL A 21 -14.50 2.45 -5.59
N VAL A 22 -14.17 1.18 -5.49
CA VAL A 22 -13.69 0.46 -6.66
C VAL A 22 -14.58 -0.74 -6.95
N PHE A 23 -14.92 -0.88 -8.24
CA PHE A 23 -15.75 -1.96 -8.73
C PHE A 23 -14.97 -2.94 -9.62
N LYS A 24 -15.41 -4.21 -9.60
CA LYS A 24 -14.98 -5.21 -10.59
C LYS A 24 -15.93 -5.01 -11.74
N VAL A 25 -15.40 -4.63 -12.90
CA VAL A 25 -16.26 -4.31 -14.04
C VAL A 25 -15.84 -5.08 -15.28
N SER A 26 -16.75 -5.25 -16.22
CA SER A 26 -16.39 -5.78 -17.53
C SER A 26 -16.34 -4.65 -18.55
N HIS A 27 -15.21 -4.53 -19.25
CA HIS A 27 -15.07 -3.55 -20.31
C HIS A 27 -15.59 -4.17 -21.57
N LYS A 28 -16.86 -3.91 -21.88
CA LYS A 28 -17.59 -4.66 -22.91
C LYS A 28 -16.88 -4.78 -24.26
N PRO A 29 -16.28 -3.67 -24.75
CA PRO A 29 -15.69 -3.70 -26.10
C PRO A 29 -14.48 -4.66 -26.26
N SER A 30 -13.72 -4.84 -25.20
CA SER A 30 -12.51 -5.64 -25.24
C SER A 30 -12.72 -7.00 -24.57
N GLY A 31 -13.61 -7.02 -23.59
CA GLY A 31 -13.89 -8.20 -22.81
C GLY A 31 -13.06 -8.28 -21.56
N LEU A 32 -12.19 -7.31 -21.33
CA LEU A 32 -11.34 -7.37 -20.17
C LEU A 32 -12.09 -7.19 -18.86
N VAL A 33 -11.64 -7.90 -17.85
CA VAL A 33 -12.09 -7.62 -16.50
C VAL A 33 -11.13 -6.63 -15.85
N MET A 34 -11.69 -5.54 -15.37
CA MET A 34 -10.87 -4.49 -14.79
C MET A 34 -11.42 -4.12 -13.45
N ALA A 35 -10.59 -3.38 -12.71
CA ALA A 35 -10.99 -2.74 -11.46
C ALA A 35 -11.09 -1.28 -11.78
N ARG A 36 -12.25 -0.72 -11.49
CA ARG A 36 -12.53 0.67 -11.83
C ARG A 36 -12.74 1.48 -10.55
N LYS A 37 -11.81 2.36 -10.23
CA LYS A 37 -11.95 3.19 -9.03
C LYS A 37 -12.66 4.47 -9.39
N LEU A 38 -13.76 4.75 -8.71
CA LEU A 38 -14.43 6.04 -8.84
C LEU A 38 -14.06 6.97 -7.69
N ILE A 39 -13.63 8.19 -8.01
CA ILE A 39 -13.31 9.18 -6.99
C ILE A 39 -14.16 10.43 -7.11
N HIS A 40 -15.07 10.65 -6.15
CA HIS A 40 -15.94 11.82 -6.19
C HIS A 40 -15.22 13.13 -5.88
N LEU A 41 -15.25 14.07 -6.81
CA LEU A 41 -14.67 15.39 -6.59
C LEU A 41 -15.52 16.46 -7.25
N GLU A 42 -16.16 17.28 -6.43
CA GLU A 42 -16.81 18.45 -6.94
C GLU A 42 -15.67 19.40 -7.24
N ILE A 43 -15.34 19.56 -8.52
CA ILE A 43 -14.22 20.40 -8.92
C ILE A 43 -14.39 20.94 -10.35
N LYS A 44 -13.93 22.17 -10.59
CA LYS A 44 -14.10 22.79 -11.89
C LYS A 44 -13.47 21.97 -12.99
N PRO A 45 -13.98 22.10 -14.21
CA PRO A 45 -13.54 21.30 -15.37
C PRO A 45 -12.05 21.49 -15.68
N ALA A 46 -11.54 22.69 -15.47
CA ALA A 46 -10.15 22.99 -15.82
C ALA A 46 -9.18 22.11 -15.05
N ILE A 47 -9.45 21.94 -13.77
CA ILE A 47 -8.55 21.17 -12.92
C ILE A 47 -8.75 19.67 -13.17
N ARG A 48 -10.00 19.26 -13.37
CA ARG A 48 -10.27 17.85 -13.58
C ARG A 48 -9.64 17.39 -14.89
N ASN A 49 -9.59 18.28 -15.88
CA ASN A 49 -8.87 17.95 -17.08
C ASN A 49 -7.39 17.72 -16.79
N GLN A 50 -6.84 18.55 -15.91
CA GLN A 50 -5.43 18.42 -15.60
C GLN A 50 -5.16 17.14 -14.81
N ILE A 51 -6.08 16.78 -13.92
CA ILE A 51 -5.96 15.53 -13.19
C ILE A 51 -5.96 14.35 -14.15
N ILE A 52 -6.89 14.40 -15.09
CA ILE A 52 -6.99 13.33 -16.10
C ILE A 52 -5.71 13.33 -16.90
N ARG A 53 -5.20 14.52 -17.14
CA ARG A 53 -4.01 14.70 -17.95
C ARG A 53 -2.81 14.15 -17.21
N GLU A 54 -2.74 14.43 -15.91
CA GLU A 54 -1.62 13.99 -15.11
C GLU A 54 -1.62 12.48 -14.86
N LEU A 55 -2.81 11.91 -14.82
CA LEU A 55 -2.99 10.49 -14.51
C LEU A 55 -2.50 9.64 -15.64
N GLN A 56 -2.39 10.24 -16.82
CA GLN A 56 -1.95 9.49 -18.01
C GLN A 56 -0.54 8.93 -17.90
N VAL A 57 0.27 9.46 -16.99
CA VAL A 57 1.62 8.93 -16.89
C VAL A 57 1.58 7.48 -16.41
N LEU A 58 0.48 7.11 -15.77
CA LEU A 58 0.29 5.74 -15.37
C LEU A 58 0.45 4.78 -16.54
N HIS A 59 0.27 5.27 -17.76
CA HIS A 59 0.39 4.43 -18.95
C HIS A 59 1.83 3.96 -19.18
N GLU A 60 2.79 4.59 -18.51
CA GLU A 60 4.19 4.25 -18.64
C GLU A 60 4.80 3.81 -17.31
N CYS A 61 3.94 3.62 -16.32
CA CYS A 61 4.34 2.94 -15.10
C CYS A 61 4.12 1.46 -15.31
N ASN A 62 5.12 0.79 -15.88
CA ASN A 62 5.00 -0.63 -16.14
C ASN A 62 6.06 -1.39 -15.37
N SER A 63 5.60 -2.26 -14.47
CA SER A 63 6.48 -2.98 -13.60
C SER A 63 5.74 -4.18 -13.09
N PRO A 64 6.47 -5.27 -12.85
CA PRO A 64 5.88 -6.41 -12.17
C PRO A 64 5.44 -6.05 -10.75
N TYR A 65 5.95 -4.94 -10.24
CA TYR A 65 5.68 -4.55 -8.87
C TYR A 65 4.72 -3.38 -8.81
N ILE A 66 4.19 -2.99 -9.96
CA ILE A 66 3.23 -1.90 -10.01
C ILE A 66 1.98 -2.34 -10.75
N VAL A 67 0.83 -2.06 -10.16
CA VAL A 67 -0.47 -2.41 -10.72
C VAL A 67 -0.73 -1.82 -12.10
N GLY A 68 -1.25 -2.65 -13.01
CA GLY A 68 -1.42 -2.25 -14.39
C GLY A 68 -2.46 -1.17 -14.53
N PHE A 69 -2.22 -0.24 -15.45
CA PHE A 69 -3.17 0.83 -15.71
C PHE A 69 -3.82 0.63 -17.07
N TYR A 70 -5.12 0.88 -17.15
CA TYR A 70 -5.77 0.78 -18.45
C TYR A 70 -6.10 2.15 -19.02
N GLY A 71 -6.51 3.06 -18.16
CA GLY A 71 -6.97 4.33 -18.66
C GLY A 71 -7.70 5.15 -17.61
N ALA A 72 -7.78 6.44 -17.86
CA ALA A 72 -8.42 7.30 -16.90
C ALA A 72 -9.34 8.26 -17.61
N PHE A 73 -10.48 8.55 -16.97
CA PHE A 73 -11.47 9.49 -17.53
C PHE A 73 -12.40 10.07 -16.45
N TYR A 74 -13.33 10.94 -16.87
CA TYR A 74 -14.28 11.62 -15.98
C TYR A 74 -15.75 11.40 -16.39
N SER A 75 -16.56 10.87 -15.49
CA SER A 75 -17.96 10.52 -15.77
C SER A 75 -18.87 11.66 -15.35
N ASP A 76 -19.55 11.52 -14.21
CA ASP A 76 -20.31 12.67 -13.69
C ASP A 76 -20.00 12.91 -12.22
N GLY A 77 -19.15 13.91 -11.99
CA GLY A 77 -18.61 14.16 -10.67
C GLY A 77 -17.72 13.01 -10.21
N GLU A 78 -17.37 12.12 -11.14
CA GLU A 78 -16.56 10.94 -10.84
C GLU A 78 -15.33 10.87 -11.73
N ILE A 79 -14.16 10.74 -11.11
CA ILE A 79 -12.96 10.42 -11.87
C ILE A 79 -12.74 8.92 -11.79
N SER A 80 -12.58 8.28 -12.93
CA SER A 80 -12.42 6.84 -12.99
C SER A 80 -10.98 6.52 -13.28
N ILE A 81 -10.42 5.60 -12.51
CA ILE A 81 -9.14 5.04 -12.85
C ILE A 81 -9.40 3.56 -13.04
N CYS A 82 -9.05 3.07 -14.21
CA CYS A 82 -9.29 1.67 -14.51
C CYS A 82 -7.98 0.89 -14.45
N MET A 83 -7.98 -0.18 -13.66
CA MET A 83 -6.73 -0.90 -13.44
C MET A 83 -6.92 -2.39 -13.47
N GLU A 84 -5.80 -3.06 -13.66
CA GLU A 84 -5.66 -4.50 -13.46
C GLU A 84 -6.51 -4.98 -12.31
N HIS A 85 -7.38 -5.93 -12.56
CA HIS A 85 -8.04 -6.61 -11.48
C HIS A 85 -7.04 -7.56 -10.78
N MET A 86 -6.96 -7.48 -9.46
CA MET A 86 -6.08 -8.37 -8.71
C MET A 86 -6.96 -9.33 -7.91
N ASP A 87 -7.11 -10.54 -8.43
CA ASP A 87 -8.06 -11.50 -7.90
C ASP A 87 -7.77 -11.95 -6.47
N GLY A 88 -6.64 -11.49 -5.91
CA GLY A 88 -6.25 -11.86 -4.56
C GLY A 88 -6.43 -10.76 -3.53
N GLY A 89 -6.77 -9.55 -3.99
CA GLY A 89 -7.11 -8.48 -3.09
C GLY A 89 -5.92 -7.73 -2.51
N SER A 90 -6.18 -7.01 -1.41
CA SER A 90 -5.15 -6.23 -0.74
C SER A 90 -4.61 -7.00 0.45
N LEU A 91 -3.40 -6.67 0.86
CA LEU A 91 -2.77 -7.39 1.94
C LEU A 91 -3.57 -7.17 3.22
N ASP A 92 -4.26 -6.03 3.31
CA ASP A 92 -5.13 -5.81 4.45
C ASP A 92 -6.31 -6.81 4.48
N GLN A 93 -6.79 -7.18 3.30
CA GLN A 93 -7.79 -8.24 3.16
C GLN A 93 -7.24 -9.63 3.51
N VAL A 94 -6.11 -10.02 2.92
CA VAL A 94 -5.53 -11.31 3.25
C VAL A 94 -5.12 -11.39 4.74
N LEU A 95 -4.76 -10.26 5.34
CA LEU A 95 -4.44 -10.25 6.76
C LEU A 95 -5.64 -10.67 7.61
N LYS A 96 -6.83 -10.17 7.25
CA LYS A 96 -8.06 -10.51 7.97
C LYS A 96 -8.30 -12.01 7.93
N LYS A 97 -8.22 -12.57 6.74
CA LYS A 97 -8.54 -13.98 6.55
C LYS A 97 -7.44 -14.86 7.17
N ALA A 98 -6.24 -14.30 7.28
CA ALA A 98 -5.04 -15.05 7.68
C ALA A 98 -4.66 -14.93 9.15
N GLY A 99 -5.12 -13.87 9.80
CA GLY A 99 -4.71 -13.63 11.17
C GLY A 99 -3.36 -12.95 11.21
N ARG A 100 -2.30 -13.71 10.99
CA ARG A 100 -0.95 -13.17 10.81
C ARG A 100 -0.41 -13.52 9.43
N ILE A 101 0.66 -12.87 9.02
CA ILE A 101 1.33 -13.24 7.78
C ILE A 101 2.75 -13.66 8.07
N PRO A 102 3.09 -14.92 7.74
CA PRO A 102 4.39 -15.56 8.00
C PRO A 102 5.54 -14.69 7.53
N GLU A 103 6.62 -14.72 8.30
CA GLU A 103 7.79 -13.90 8.02
C GLU A 103 8.32 -14.12 6.61
N GLN A 104 8.44 -15.37 6.20
CA GLN A 104 8.95 -15.65 4.88
C GLN A 104 8.10 -15.03 3.77
N ILE A 105 6.80 -15.01 3.97
CA ILE A 105 5.94 -14.36 3.00
C ILE A 105 6.19 -12.86 3.05
N LEU A 106 6.19 -12.33 4.26
CA LEU A 106 6.45 -10.91 4.45
C LEU A 106 7.76 -10.52 3.77
N GLY A 107 8.68 -11.46 3.70
CA GLY A 107 9.94 -11.23 3.03
C GLY A 107 9.76 -11.01 1.54
N LYS A 108 8.88 -11.78 0.91
CA LYS A 108 8.63 -11.57 -0.51
C LYS A 108 7.92 -10.23 -0.75
N VAL A 109 7.02 -9.85 0.18
CA VAL A 109 6.29 -8.61 0.11
C VAL A 109 7.25 -7.43 0.23
N SER A 110 8.17 -7.53 1.18
CA SER A 110 9.17 -6.50 1.36
C SER A 110 9.94 -6.29 0.09
N ILE A 111 10.37 -7.39 -0.51
CA ILE A 111 11.06 -7.32 -1.77
C ILE A 111 10.23 -6.53 -2.78
N ALA A 112 8.97 -6.90 -2.95
CA ALA A 112 8.09 -6.22 -3.92
C ALA A 112 7.92 -4.71 -3.62
N VAL A 113 7.73 -4.37 -2.36
CA VAL A 113 7.50 -2.98 -2.02
C VAL A 113 8.72 -2.10 -2.34
N ILE A 114 9.90 -2.62 -2.06
CA ILE A 114 11.13 -1.87 -2.28
C ILE A 114 11.37 -1.66 -3.77
N LYS A 115 11.17 -2.73 -4.54
CA LYS A 115 11.39 -2.64 -5.97
C LYS A 115 10.35 -1.72 -6.59
N GLY A 116 9.14 -1.75 -6.04
CA GLY A 116 8.09 -0.85 -6.49
C GLY A 116 8.40 0.61 -6.22
N LEU A 117 8.82 0.90 -4.99
CA LEU A 117 9.14 2.26 -4.63
C LEU A 117 10.34 2.70 -5.44
N THR A 118 11.28 1.79 -5.62
CA THR A 118 12.50 2.11 -6.35
C THR A 118 12.14 2.41 -7.79
N TYR A 119 11.23 1.61 -8.36
CA TYR A 119 10.85 1.84 -9.74
C TYR A 119 10.22 3.23 -9.89
N LEU A 120 9.22 3.52 -9.06
CA LEU A 120 8.53 4.79 -9.13
C LEU A 120 9.46 5.99 -8.92
N ARG A 121 10.42 5.87 -8.01
CA ARG A 121 11.36 6.96 -7.76
C ARG A 121 12.39 7.05 -8.87
N GLU A 122 13.03 5.91 -9.15
CA GLU A 122 14.07 5.79 -10.16
C GLU A 122 13.61 6.25 -11.54
N LYS A 123 12.49 5.73 -12.02
CA LYS A 123 12.10 5.93 -13.40
C LYS A 123 11.02 7.03 -13.56
N HIS A 124 10.44 7.49 -12.45
CA HIS A 124 9.42 8.56 -12.52
C HIS A 124 9.57 9.70 -11.50
N LYS A 125 10.58 9.62 -10.65
CA LYS A 125 10.79 10.63 -9.64
C LYS A 125 9.48 10.83 -8.88
N ILE A 126 8.76 9.75 -8.63
CA ILE A 126 7.54 9.84 -7.85
C ILE A 126 7.57 9.05 -6.54
N MET A 127 7.04 9.72 -5.51
CA MET A 127 6.97 9.19 -4.17
C MET A 127 5.60 8.54 -3.98
N HIS A 128 5.54 7.44 -3.24
CA HIS A 128 4.26 6.74 -3.10
C HIS A 128 3.19 7.54 -2.32
N ARG A 129 3.49 7.86 -1.06
CA ARG A 129 2.69 8.75 -0.21
C ARG A 129 1.59 8.08 0.58
N ASP A 130 1.20 6.87 0.20
CA ASP A 130 0.15 6.17 0.91
C ASP A 130 0.48 4.67 0.94
N VAL A 131 1.64 4.33 1.50
CA VAL A 131 1.96 2.92 1.65
C VAL A 131 1.28 2.38 2.92
N LYS A 132 0.48 1.33 2.74
CA LYS A 132 -0.17 0.60 3.83
C LYS A 132 -0.72 -0.68 3.19
N PRO A 133 -1.19 -1.64 4.01
CA PRO A 133 -1.57 -2.97 3.51
C PRO A 133 -2.70 -3.01 2.46
N SER A 134 -3.59 -2.02 2.46
CA SER A 134 -4.67 -2.02 1.50
C SER A 134 -4.21 -1.55 0.12
N ASN A 135 -3.04 -0.91 0.05
CA ASN A 135 -2.53 -0.44 -1.24
C ASN A 135 -1.38 -1.30 -1.75
N ILE A 136 -1.28 -2.52 -1.21
CA ILE A 136 -0.42 -3.54 -1.77
C ILE A 136 -1.35 -4.66 -2.22
N LEU A 137 -1.49 -4.84 -3.54
CA LEU A 137 -2.39 -5.86 -4.09
C LEU A 137 -1.67 -7.17 -4.45
N VAL A 138 -2.38 -8.28 -4.38
CA VAL A 138 -1.78 -9.56 -4.76
C VAL A 138 -2.72 -10.32 -5.70
N ASN A 139 -2.21 -11.36 -6.36
CA ASN A 139 -3.05 -12.18 -7.23
C ASN A 139 -2.61 -13.63 -7.24
N SER A 140 -3.39 -14.47 -7.92
CA SER A 140 -3.14 -15.92 -7.94
C SER A 140 -1.89 -16.37 -8.69
N ARG A 141 -1.23 -15.47 -9.39
CA ARG A 141 0.04 -15.81 -10.00
C ARG A 141 1.18 -15.49 -9.04
N GLY A 142 0.84 -14.92 -7.89
CA GLY A 142 1.83 -14.63 -6.86
C GLY A 142 2.54 -13.30 -7.06
N GLU A 143 2.00 -12.50 -7.96
CA GLU A 143 2.49 -11.14 -8.15
C GLU A 143 2.06 -10.28 -6.95
N ILE A 144 2.95 -9.36 -6.58
CA ILE A 144 2.71 -8.47 -5.45
C ILE A 144 2.97 -7.08 -6.02
N LYS A 145 1.96 -6.21 -5.99
CA LYS A 145 2.02 -4.94 -6.71
C LYS A 145 1.50 -3.81 -5.88
N LEU A 146 2.05 -2.61 -6.10
CA LEU A 146 1.64 -1.39 -5.39
C LEU A 146 0.59 -0.62 -6.19
N CYS A 147 -0.29 0.10 -5.51
CA CYS A 147 -1.26 0.96 -6.21
C CYS A 147 -1.49 2.22 -5.42
N ASP A 148 -2.41 3.04 -5.90
CA ASP A 148 -2.83 4.23 -5.17
C ASP A 148 -1.61 5.08 -4.76
N PHE A 149 -0.62 5.18 -5.64
CA PHE A 149 0.50 6.07 -5.37
C PHE A 149 0.26 7.43 -6.00
N GLY A 150 0.98 8.44 -5.52
CA GLY A 150 0.69 9.81 -5.89
C GLY A 150 1.25 10.22 -7.22
N VAL A 151 0.64 9.75 -8.29
CA VAL A 151 1.12 10.08 -9.63
C VAL A 151 0.73 11.48 -10.07
N SER A 152 -0.42 11.99 -9.62
CA SER A 152 -0.85 13.29 -10.11
C SER A 152 -0.81 14.34 -9.02
N GLY A 153 -0.03 15.39 -9.26
CA GLY A 153 0.13 16.45 -8.28
C GLY A 153 -1.19 17.12 -7.93
N GLN A 154 -1.99 17.42 -8.95
CA GLN A 154 -3.23 18.12 -8.70
C GLN A 154 -4.17 17.26 -7.88
N LEU A 155 -4.04 15.94 -7.99
CA LEU A 155 -4.89 15.06 -7.20
C LEU A 155 -4.44 15.12 -5.76
N ILE A 156 -3.13 15.11 -5.57
CA ILE A 156 -2.54 15.36 -4.27
C ILE A 156 -3.20 16.58 -3.62
N ASP A 157 -3.32 17.68 -4.39
CA ASP A 157 -3.97 18.88 -3.89
C ASP A 157 -5.46 18.69 -3.60
N SER A 158 -6.19 18.18 -4.58
CA SER A 158 -7.63 18.11 -4.45
C SER A 158 -8.10 17.08 -3.44
N MET A 159 -7.19 16.26 -2.94
CA MET A 159 -7.59 15.30 -1.93
C MET A 159 -7.06 15.72 -0.57
N ALA A 160 -6.37 16.86 -0.55
CA ALA A 160 -5.62 17.37 0.60
C ALA A 160 -6.30 17.20 1.96
N ASN A 161 -7.62 17.35 1.96
CA ASN A 161 -8.39 17.41 3.20
C ASN A 161 -8.77 16.04 3.84
N SER A 162 -9.83 15.41 3.33
CA SER A 162 -10.43 14.20 3.91
C SER A 162 -9.45 13.19 4.52
N VAL A 164 -9.19 10.90 7.41
CA VAL A 164 -7.98 10.17 7.74
C VAL A 164 -8.25 9.01 8.72
N GLY A 165 -8.84 9.31 9.88
CA GLY A 165 -9.35 8.27 10.75
C GLY A 165 -8.70 8.02 12.11
N THR A 166 -8.45 6.73 12.39
CA THR A 166 -7.92 6.28 13.67
C THR A 166 -6.75 5.31 13.48
N ARG A 167 -6.14 5.32 12.29
CA ARG A 167 -4.95 4.51 12.03
C ARG A 167 -4.10 5.31 11.07
N SER A 168 -2.93 5.74 11.52
CA SER A 168 -2.08 6.48 10.63
C SER A 168 -0.88 5.64 10.23
N TYR A 169 -0.57 5.63 8.94
CA TYR A 169 0.65 5.01 8.50
C TYR A 169 1.64 6.11 8.18
N MET A 170 1.34 7.31 8.68
CA MET A 170 2.22 8.43 8.41
C MET A 170 3.46 8.45 9.30
N SER A 171 4.58 8.82 8.68
CA SER A 171 5.82 9.02 9.39
C SER A 171 5.62 10.17 10.35
N PRO A 172 6.41 10.20 11.42
CA PRO A 172 6.28 11.28 12.39
C PRO A 172 6.65 12.62 11.76
N GLU A 173 7.60 12.63 10.83
CA GLU A 173 7.97 13.90 10.21
C GLU A 173 6.80 14.45 9.39
N ARG A 174 6.11 13.58 8.67
CA ARG A 174 4.98 14.04 7.88
C ARG A 174 3.85 14.51 8.77
N LEU A 175 3.68 13.85 9.92
CA LEU A 175 2.62 14.19 10.86
C LEU A 175 2.83 15.55 11.47
N GLN A 176 4.09 15.96 11.56
CA GLN A 176 4.45 17.13 12.35
C GLN A 176 4.59 18.38 11.52
N GLY A 177 4.65 18.23 10.20
CA GLY A 177 4.90 19.37 9.37
C GLY A 177 4.92 19.11 7.89
N THR A 178 5.68 19.94 7.19
CA THR A 178 5.80 19.88 5.74
C THR A 178 7.19 19.37 5.36
N HIS A 179 8.09 19.33 6.33
CA HIS A 179 9.45 18.86 6.08
C HIS A 179 9.44 17.33 5.94
N TYR A 180 8.83 16.80 4.87
CA TYR A 180 8.87 15.35 4.59
C TYR A 180 9.20 15.04 3.14
N SER A 181 9.55 13.78 2.86
CA SER A 181 9.64 13.32 1.50
C SER A 181 9.66 11.78 1.40
N VAL A 182 10.47 11.25 0.49
CA VAL A 182 10.42 9.82 0.16
C VAL A 182 10.76 8.91 1.34
N GLN A 183 11.59 9.39 2.26
CA GLN A 183 11.86 8.60 3.44
C GLN A 183 10.57 8.30 4.21
N SER A 184 9.55 9.12 4.02
CA SER A 184 8.29 8.88 4.73
C SER A 184 7.69 7.52 4.32
N ASP A 185 7.84 7.15 3.05
CA ASP A 185 7.31 5.89 2.58
C ASP A 185 8.01 4.73 3.29
N ILE A 186 9.28 4.92 3.66
CA ILE A 186 10.03 3.84 4.31
C ILE A 186 9.36 3.52 5.63
N TRP A 187 8.97 4.56 6.35
CA TRP A 187 8.27 4.38 7.60
C TRP A 187 6.97 3.65 7.38
N SER A 188 6.19 4.13 6.41
CA SER A 188 4.89 3.52 6.13
C SER A 188 5.04 2.01 5.90
N MET A 189 6.04 1.62 5.11
CA MET A 189 6.35 0.22 4.92
C MET A 189 6.65 -0.52 6.23
N GLY A 190 7.57 0.01 7.00
CA GLY A 190 7.98 -0.66 8.23
C GLY A 190 6.79 -0.97 9.10
N LEU A 191 5.94 0.05 9.29
CA LEU A 191 4.79 -0.11 10.16
C LEU A 191 3.86 -1.16 9.59
N SER A 192 3.57 -1.07 8.28
CA SER A 192 2.71 -2.05 7.63
C SER A 192 3.18 -3.47 7.88
N LEU A 193 4.49 -3.66 7.71
CA LEU A 193 5.07 -4.97 7.94
C LEU A 193 4.82 -5.45 9.35
N VAL A 194 5.12 -4.61 10.32
CA VAL A 194 4.90 -5.01 11.71
C VAL A 194 3.43 -5.36 11.91
N GLU A 195 2.55 -4.60 11.30
CA GLU A 195 1.14 -4.86 11.46
C GLU A 195 0.77 -6.23 10.91
N MET A 196 1.21 -6.51 9.67
CA MET A 196 0.86 -7.76 9.02
C MET A 196 1.54 -8.91 9.71
N ALA A 197 2.63 -8.59 10.39
CA ALA A 197 3.48 -9.59 11.02
C ALA A 197 2.82 -10.06 12.29
N VAL A 198 2.07 -9.16 12.91
CA VAL A 198 1.70 -9.32 14.30
C VAL A 198 0.21 -9.59 14.43
N GLY A 199 -0.55 -9.12 13.45
CA GLY A 199 -1.96 -9.41 13.42
C GLY A 199 -2.85 -8.21 13.65
N ARG A 200 -2.26 -7.07 13.96
CA ARG A 200 -3.04 -5.85 14.14
C ARG A 200 -2.19 -4.60 14.05
N TYR A 201 -2.85 -3.47 13.87
CA TYR A 201 -2.15 -2.20 13.87
C TYR A 201 -1.32 -2.08 15.16
N PRO A 202 -0.01 -1.87 15.01
CA PRO A 202 0.94 -2.04 16.12
C PRO A 202 1.09 -0.85 17.06
N ILE A 203 0.12 0.04 17.06
CA ILE A 203 0.15 1.19 17.98
C ILE A 203 -1.19 1.32 18.67
N PRO A 204 -1.20 1.29 20.01
CA PRO A 204 0.01 1.10 20.83
C PRO A 204 0.50 -0.34 20.79
N PRO A 205 1.76 -0.55 21.15
CA PRO A 205 2.38 -1.87 21.10
C PRO A 205 1.74 -2.78 22.15
N PRO A 206 1.64 -4.10 21.85
CA PRO A 206 0.91 -5.05 22.69
C PRO A 206 1.48 -5.14 24.11
N ASP A 207 0.61 -5.18 25.13
CA ASP A 207 1.11 -5.36 26.51
C ASP A 207 1.77 -6.72 26.69
N ALA A 208 2.37 -6.95 27.86
CA ALA A 208 3.07 -8.19 28.13
C ALA A 208 2.17 -9.38 27.81
N LYS A 209 0.94 -9.31 28.34
CA LYS A 209 -0.06 -10.37 28.16
C LYS A 209 -0.49 -10.62 26.70
N GLU A 210 -1.03 -9.59 26.06
CA GLU A 210 -1.53 -9.64 24.67
C GLU A 210 -0.53 -10.28 23.69
N LEU A 211 0.75 -10.20 24.05
CA LEU A 211 1.81 -10.78 23.25
C LEU A 211 1.81 -12.31 23.34
N GLU A 212 1.87 -12.85 24.56
CA GLU A 212 1.92 -14.30 24.77
C GLU A 212 0.62 -15.00 24.36
N LEU A 213 -0.44 -14.20 24.16
CA LEU A 213 -1.74 -14.70 23.73
C LEU A 213 -1.73 -14.99 22.23
N MET A 214 -1.24 -14.02 21.47
CA MET A 214 -1.10 -14.18 20.02
C MET A 214 -0.22 -15.39 19.69
N PHE A 215 0.80 -15.64 20.51
CA PHE A 215 1.79 -16.69 20.24
C PHE A 215 1.82 -17.80 21.31
N PRO A 246 -9.46 -0.55 24.19
CA PRO A 246 -10.35 0.35 23.42
C PRO A 246 -9.59 1.09 22.33
N PRO A 247 -10.25 1.40 21.19
CA PRO A 247 -9.61 2.19 20.14
C PRO A 247 -9.15 3.55 20.68
N MET A 248 -8.08 4.10 20.10
CA MET A 248 -7.48 5.33 20.62
C MET A 248 -8.15 6.61 20.13
N ALA A 249 -7.95 7.68 20.89
CA ALA A 249 -8.36 8.98 20.42
C ALA A 249 -7.35 9.44 19.38
N ILE A 250 -7.73 10.42 18.57
CA ILE A 250 -6.96 10.79 17.41
C ILE A 250 -5.64 11.41 17.83
N PHE A 251 -5.73 12.45 18.64
CA PHE A 251 -4.53 13.05 19.16
C PHE A 251 -3.70 12.03 19.94
N GLU A 252 -4.34 11.34 20.88
CA GLU A 252 -3.65 10.32 21.65
C GLU A 252 -2.79 9.38 20.78
N LEU A 253 -3.25 9.08 19.58
CA LEU A 253 -2.51 8.14 18.76
C LEU A 253 -1.36 8.81 18.03
N LEU A 254 -1.60 10.01 17.54
CA LEU A 254 -0.61 10.73 16.77
C LEU A 254 0.47 11.12 17.73
N ASP A 255 0.05 11.49 18.93
CA ASP A 255 0.96 11.87 19.99
C ASP A 255 1.92 10.71 20.25
N TYR A 256 1.37 9.51 20.29
CA TYR A 256 2.20 8.33 20.49
C TYR A 256 3.22 8.19 19.39
N ILE A 257 2.77 8.20 18.14
CA ILE A 257 3.65 8.06 16.98
C ILE A 257 4.85 9.02 16.99
N VAL A 258 4.62 10.27 17.35
CA VAL A 258 5.70 11.25 17.18
C VAL A 258 6.63 11.39 18.39
N ASN A 259 6.19 10.91 19.55
CA ASN A 259 6.87 11.19 20.81
C ASN A 259 7.30 9.98 21.59
N GLU A 260 6.58 8.89 21.39
CA GLU A 260 6.95 7.64 22.03
C GLU A 260 7.90 6.88 21.10
N PRO A 261 8.69 5.97 21.68
CA PRO A 261 9.58 5.17 20.85
C PRO A 261 8.75 4.30 19.90
N PRO A 262 9.28 4.04 18.71
CA PRO A 262 8.62 3.27 17.64
C PRO A 262 8.45 1.81 17.97
N PRO A 263 7.50 1.16 17.29
CA PRO A 263 7.21 -0.25 17.56
C PRO A 263 8.30 -1.17 17.04
N LYS A 264 8.43 -2.29 17.72
CA LYS A 264 9.47 -3.23 17.45
C LYS A 264 8.79 -4.54 17.21
N LEU A 265 9.48 -5.41 16.47
CA LEU A 265 9.03 -6.78 16.35
C LEU A 265 9.38 -7.44 17.68
N PRO A 266 8.44 -8.23 18.23
CA PRO A 266 8.71 -8.88 19.51
C PRO A 266 9.85 -9.89 19.36
N SER A 267 10.76 -9.95 20.31
CA SER A 267 11.89 -10.85 20.17
C SER A 267 11.46 -12.29 20.32
N GLY A 268 12.22 -13.20 19.72
CA GLY A 268 11.97 -14.62 19.88
C GLY A 268 11.26 -15.28 18.72
N VAL A 269 10.23 -14.62 18.20
CA VAL A 269 9.38 -15.22 17.16
C VAL A 269 9.76 -14.74 15.74
N PHE A 270 10.65 -13.78 15.66
CA PHE A 270 11.09 -13.30 14.36
C PHE A 270 12.58 -13.23 14.35
N SER A 271 13.17 -13.64 13.23
CA SER A 271 14.62 -13.72 13.12
C SER A 271 15.22 -12.36 13.39
N LEU A 272 16.43 -12.35 13.93
CA LEU A 272 17.10 -11.09 14.21
C LEU A 272 17.16 -10.23 12.95
N GLU A 273 17.34 -10.88 11.79
CA GLU A 273 17.37 -10.19 10.50
C GLU A 273 16.14 -9.33 10.25
N PHE A 274 14.96 -9.92 10.43
CA PHE A 274 13.70 -9.22 10.26
C PHE A 274 13.59 -8.06 11.24
N GLN A 275 13.90 -8.33 12.51
CA GLN A 275 13.83 -7.33 13.54
C GLN A 275 14.66 -6.11 13.16
N ASP A 276 15.88 -6.32 12.71
CA ASP A 276 16.74 -5.20 12.38
C ASP A 276 16.19 -4.44 11.18
N PHE A 277 15.67 -5.18 10.22
CA PHE A 277 15.09 -4.60 9.02
C PHE A 277 14.02 -3.59 9.40
N VAL A 278 12.95 -4.05 10.04
CA VAL A 278 11.91 -3.13 10.45
C VAL A 278 12.47 -2.04 11.35
N ASN A 279 13.40 -2.40 12.23
CA ASN A 279 13.97 -1.39 13.12
C ASN A 279 14.54 -0.22 12.33
N LYS A 280 15.29 -0.54 11.28
CA LYS A 280 15.92 0.49 10.45
C LYS A 280 14.88 1.27 9.64
N CYS A 281 13.73 0.65 9.38
CA CYS A 281 12.65 1.31 8.65
C CYS A 281 11.90 2.32 9.55
N LEU A 282 11.98 2.11 10.86
CA LEU A 282 11.14 2.85 11.77
C LEU A 282 11.93 3.79 12.64
N ILE A 283 13.08 4.22 12.14
CA ILE A 283 13.83 5.25 12.83
C ILE A 283 13.07 6.56 12.65
N LYS A 284 12.86 7.29 13.75
CA LYS A 284 12.06 8.51 13.74
C LYS A 284 12.70 9.62 12.92
N ASN A 285 14.03 9.70 12.96
CA ASN A 285 14.75 10.69 12.19
C ASN A 285 14.87 10.21 10.75
N PRO A 286 14.22 10.90 9.83
CA PRO A 286 14.18 10.41 8.45
C PRO A 286 15.56 10.35 7.75
N ALA A 287 16.53 11.10 8.24
CA ALA A 287 17.85 11.10 7.61
C ALA A 287 18.68 9.94 8.15
N GLU A 288 18.37 9.51 9.36
CA GLU A 288 19.01 8.36 9.97
C GLU A 288 18.35 7.05 9.48
N ARG A 289 17.03 7.12 9.26
CA ARG A 289 16.24 5.99 8.76
C ARG A 289 16.83 5.41 7.49
N ALA A 290 16.73 4.11 7.30
CA ALA A 290 17.33 3.48 6.13
C ALA A 290 16.70 3.99 4.84
N ASP A 291 17.43 3.90 3.73
CA ASP A 291 16.80 4.26 2.47
C ASP A 291 16.57 3.04 1.57
N LEU A 292 15.88 3.24 0.46
CA LEU A 292 15.66 2.15 -0.50
C LEU A 292 16.98 1.44 -0.84
N LYS A 293 18.00 2.21 -1.22
CA LYS A 293 19.35 1.70 -1.50
C LYS A 293 19.78 0.70 -0.46
N GLN A 294 19.70 1.14 0.79
CA GLN A 294 20.25 0.38 1.90
C GLN A 294 19.43 -0.87 2.20
N LEU A 295 18.10 -0.71 2.24
CA LEU A 295 17.23 -1.84 2.50
C LEU A 295 17.37 -2.92 1.42
N MET A 296 17.72 -2.50 0.22
CA MET A 296 17.79 -3.42 -0.90
C MET A 296 18.93 -4.43 -0.75
N VAL A 297 19.89 -4.13 0.13
CA VAL A 297 21.04 -5.01 0.33
C VAL A 297 21.11 -5.45 1.78
N HIS A 298 20.00 -5.27 2.50
CA HIS A 298 19.92 -5.64 3.90
C HIS A 298 19.90 -7.15 4.04
N ALA A 299 20.52 -7.64 5.12
CA ALA A 299 20.54 -9.07 5.42
C ALA A 299 19.20 -9.76 5.17
N PHE A 300 18.11 -9.11 5.57
CA PHE A 300 16.79 -9.75 5.51
C PHE A 300 16.30 -9.93 4.07
N ILE A 301 16.49 -8.89 3.27
CA ILE A 301 16.11 -8.96 1.87
C ILE A 301 16.91 -10.03 1.17
N LYS A 302 18.23 -9.98 1.35
CA LYS A 302 19.10 -10.95 0.71
C LYS A 302 18.73 -12.37 1.12
N ARG A 303 18.38 -12.57 2.39
CA ARG A 303 17.94 -13.89 2.80
C ARG A 303 16.60 -14.23 2.16
N SER A 304 15.67 -13.29 2.12
CA SER A 304 14.36 -13.60 1.54
C SER A 304 14.51 -13.77 0.05
N ASP A 305 15.40 -12.97 -0.52
CA ASP A 305 15.67 -12.99 -1.93
C ASP A 305 16.04 -14.42 -2.36
N ALA A 306 16.70 -15.16 -1.48
CA ALA A 306 17.16 -16.52 -1.80
C ALA A 306 16.12 -17.60 -1.51
N GLU A 307 15.28 -17.35 -0.52
CA GLU A 307 14.32 -18.33 -0.05
C GLU A 307 13.36 -18.79 -1.14
N GLU A 308 13.20 -20.11 -1.27
CA GLU A 308 12.23 -20.71 -2.19
C GLU A 308 10.84 -20.74 -1.53
N VAL A 309 10.00 -19.78 -1.90
CA VAL A 309 8.68 -19.60 -1.28
C VAL A 309 7.58 -19.67 -2.33
N ASP A 310 6.59 -20.54 -2.11
CA ASP A 310 5.47 -20.63 -3.04
C ASP A 310 4.38 -19.68 -2.60
N PHE A 311 4.56 -18.39 -2.91
CA PHE A 311 3.64 -17.35 -2.44
C PHE A 311 2.25 -17.50 -3.02
N ALA A 312 2.20 -17.83 -4.30
CA ALA A 312 0.93 -18.08 -4.97
C ALA A 312 0.12 -19.14 -4.22
N GLY A 313 0.76 -20.26 -3.93
CA GLY A 313 0.14 -21.36 -3.22
C GLY A 313 -0.36 -20.95 -1.86
N TRP A 314 0.47 -20.25 -1.11
CA TRP A 314 0.08 -19.83 0.23
C TRP A 314 -1.14 -18.92 0.18
N LEU A 315 -1.16 -18.03 -0.81
CA LEU A 315 -2.22 -17.04 -0.96
C LEU A 315 -3.60 -17.70 -1.04
N CYS A 316 -3.79 -18.52 -2.07
CA CYS A 316 -5.06 -19.19 -2.33
C CYS A 316 -5.43 -20.11 -1.17
N SER A 317 -4.43 -20.82 -0.64
CA SER A 317 -4.59 -21.68 0.51
C SER A 317 -5.19 -20.95 1.72
N THR A 318 -4.74 -19.72 1.98
CA THR A 318 -5.25 -19.00 3.14
C THR A 318 -6.48 -18.13 2.85
N ILE A 319 -6.89 -18.01 1.59
CA ILE A 319 -8.10 -17.22 1.30
C ILE A 319 -9.13 -17.92 0.41
N GLY A 320 -8.90 -19.20 0.13
CA GLY A 320 -9.86 -20.01 -0.61
C GLY A 320 -9.99 -19.64 -2.07
N LEU A 321 -9.39 -20.45 -2.95
CA LEU A 321 -9.34 -20.09 -4.35
C LEU A 321 -8.90 -21.22 -5.26
N ASN A 322 -8.04 -20.83 -6.20
CA ASN A 322 -7.43 -21.71 -7.19
C ASN A 322 -6.80 -22.97 -6.59
MG MG B . -6.52 3.03 -1.24
O3 3EW C . -9.46 6.27 -2.88
C4 3EW C . -3.64 8.29 -7.88
C5 3EW C . -4.43 7.37 -7.18
C6 3EW C . -4.75 7.65 -5.84
N1 3EW C . -4.89 6.22 -7.74
C7 3EW C . -5.65 6.77 -5.01
C8 3EW C . -4.16 5.24 -8.38
N2 3EW C . -5.69 6.93 -3.70
C9 3EW C . -2.80 5.40 -8.68
C10 3EW C . -2.09 4.43 -9.37
C11 3EW C . -2.72 3.25 -9.75
C12 3EW C . -4.08 3.07 -9.44
N3 3EW C . -2.96 10.90 -5.60
C13 3EW C . -4.80 4.06 -8.77
C14 3EW C . -2.27 11.38 -6.66
C15 3EW C . -7.29 6.72 -1.87
N4 3EW C . -2.40 10.51 -7.70
BR1 3EW C . -1.75 1.88 -10.66
CL1 3EW C . -6.53 3.76 -8.40
F1 3EW C . -3.30 8.07 -9.17
C3 3EW C . -3.16 9.47 -7.28
C17 3EW C . -3.11 11.51 -4.24
C2 3EW C . -3.51 9.72 -5.95
C1 3EW C . -4.31 8.81 -5.25
O1 3EW C . -6.43 6.00 -5.58
O2 3EW C . -6.55 6.16 -2.96
C16 3EW C . -8.67 6.08 -1.70
PG ANP D . -8.01 4.00 2.11
O1G ANP D . -8.09 4.71 3.54
O2G ANP D . -8.91 4.70 1.16
O3G ANP D . -6.52 4.08 1.52
PB ANP D . -8.48 1.49 0.90
O1B ANP D . -7.04 1.30 0.22
O2B ANP D . -9.16 0.22 1.25
N3B ANP D . -8.45 2.39 2.32
PA ANP D . -9.50 2.07 -1.79
O1A ANP D . -8.23 2.40 -2.47
O2A ANP D . -10.65 3.09 -2.25
O3A ANP D . -9.33 2.24 -0.22
O5' ANP D . -9.92 0.56 -2.10
C5' ANP D . -10.77 -0.18 -1.26
C4' ANP D . -10.60 -1.67 -1.60
O4' ANP D . -10.78 -1.91 -3.02
C3' ANP D . -9.16 -2.14 -1.30
O3' ANP D . -8.98 -2.49 0.07
C2' ANP D . -9.12 -3.39 -2.18
O2' ANP D . -9.72 -4.42 -1.42
C1' ANP D . -10.01 -3.07 -3.39
N9 ANP D . -9.22 -2.79 -4.60
C8 ANP D . -8.71 -1.59 -4.98
N7 ANP D . -8.09 -1.73 -6.12
C5 ANP D . -8.16 -3.02 -6.54
C6 ANP D . -7.69 -3.74 -7.67
N6 ANP D . -6.93 -3.10 -8.67
N1 ANP D . -7.97 -5.06 -7.76
C2 ANP D . -8.67 -5.68 -6.81
N3 ANP D . -9.12 -5.04 -5.76
C4 ANP D . -8.90 -3.72 -5.58
H4' ANP D . -11.31 -2.27 -1.03
H3' ANP D . -8.43 -1.40 -1.63
H2' ANP D . -8.10 -3.65 -2.46
H1' ANP D . -10.68 -3.90 -3.58
#